data_2MGN
#
_entry.id   2MGN
#
_cell.length_a   1.000
_cell.length_b   1.000
_cell.length_c   1.000
_cell.angle_alpha   90.00
_cell.angle_beta   90.00
_cell.angle_gamma   90.00
#
_symmetry.space_group_name_H-M   'P 1'
#
loop_
_entity.id
_entity.type
_entity.pdbx_description
1 polymer "5'-D(*TP*GP*AP*GP*GP*GP*TP*GP*GP*TP*GP*AP*GP*GP*GP*TP*GP*GP*GP*GP*AP*AP*GP*G)-3'"
2 non-polymer N2,N9-bis(1-methylquinolin-3-yl)-1,10-phenanthroline-2,9-dicarboxamide
#
_entity_poly.entity_id   1
_entity_poly.type   'polydeoxyribonucleotide'
_entity_poly.pdbx_seq_one_letter_code
;(DT)(DG)(DA)(DG)(DG)(DG)(DT)(DG)(DG)(DT)(DG)(DA)(DG)(DG)(DG)(DT)(DG)(DG)(DG)(DG)
(DA)(DA)(DG)(DG)
;
_entity_poly.pdbx_strand_id   A
#
loop_
_chem_comp.id
_chem_comp.type
_chem_comp.name
_chem_comp.formula
DA DNA linking 2'-DEOXYADENOSINE-5'-MONOPHOSPHATE 'C10 H14 N5 O6 P'
DG DNA linking 2'-DEOXYGUANOSINE-5'-MONOPHOSPHATE 'C10 H14 N5 O7 P'
DT DNA linking THYMIDINE-5'-MONOPHOSPHATE 'C10 H15 N2 O8 P'
PQ3 non-polymer N2,N9-bis(1-methylquinolin-3-yl)-1,10-phenanthroline-2,9-dicarboxamide 'C34 H26 N6 O2 2'
#
# COMPACT_ATOMS: atom_id res chain seq x y z
C4 PQ3 B . -4.05 -3.74 -1.29
C5 PQ3 B . -3.01 -2.87 -0.95
C3 PQ3 B . -5.25 -3.20 -1.74
C2 PQ3 B . -5.35 -1.82 -1.89
C17 PQ3 B . -4.26 -0.99 -1.59
C17' PQ3 B . -4.38 0.41 -1.82
C2' PQ3 B . -5.60 0.91 -2.30
C1 PQ3 B . -6.56 -1.30 -2.36
C9 PQ3 B . 2.40 -5.66 2.04
C13 PQ3 B . 4.89 -1.22 1.73
C5' PQ3 B . -3.52 2.61 -1.75
C6 PQ3 B . -1.74 -3.47 -0.38
C1' PQ3 B . -6.68 0.07 -2.56
C3' PQ3 B . -5.78 2.28 -2.51
C4' PQ3 B . -4.72 3.14 -2.23
C6' PQ3 B . -2.39 3.56 -1.41
C12 PQ3 B . 5.14 -2.41 2.41
C7' PQ3 B . -0.05 3.65 -0.48
C16' PQ3 B . 0.86 2.93 0.29
C15' PQ3 B . 2.06 3.54 0.67
C10' PQ3 B . 2.31 4.87 0.34
C8' PQ3 B . 0.26 4.97 -0.81
C14' PQ3 B . 3.02 2.81 1.39
C11 PQ3 B . 4.20 -3.43 2.40
C11' PQ3 B . 3.54 5.45 0.68
C13' PQ3 B . 4.23 3.40 1.74
C12' PQ3 B . 4.49 4.72 1.38
C14 PQ3 B . 3.69 -1.04 1.06
C7 PQ3 B . 0.50 -2.82 0.57
C8 PQ3 B . 0.79 -4.00 1.25
C16 PQ3 B . 1.48 -1.84 0.47
C15 PQ3 B . 2.72 -2.05 1.08
C10 PQ3 B . 2.97 -3.25 1.74
C9' PQ3 B . 1.30 7.08 -0.19
N1 PQ3 B . -3.10 -1.53 -1.08
N2 PQ3 B . -0.80 -2.57 -0.01
N3' PQ3 B . 1.33 5.62 -0.27
N2' PQ3 B . -1.26 3.01 -0.91
N1' PQ3 B . -3.35 1.28 -1.55
N3 PQ3 B . 2.05 -4.27 1.72
O1' PQ3 B . -2.49 4.76 -1.55
O1 PQ3 B . -1.58 -4.67 -0.22
HH PQ3 B . -3.94 -4.81 -1.19
HJ PQ3 B . -6.09 -3.86 -1.97
HK PQ3 B . -7.41 -1.96 -2.54
HI1 PQ3 B . 1.59 -6.34 1.77
HI2 PQ3 B . 3.30 -5.95 1.48
HI3 PQ3 B . 2.60 -5.76 3.11
HE PQ3 B . 5.65 -0.43 1.72
HK' PQ3 B . -7.63 0.47 -2.91
HJ' PQ3 B . -6.72 2.69 -2.86
HH' PQ3 B . -4.83 4.21 -2.36
HF PQ3 B . 6.09 -2.54 2.94
HB' PQ3 B . 0.65 1.90 0.57
HC' PQ3 B . -0.38 5.58 -1.45
HD' PQ3 B . 2.80 1.79 1.70
HG PQ3 B . 4.44 -4.35 2.93
HG' PQ3 B . 3.77 6.49 0.44
HE' PQ3 B . 4.96 2.84 2.31
HF' PQ3 B . 5.43 5.18 1.67
HD PQ3 B . 3.49 -0.12 0.52
HC PQ3 B . 0.06 -4.79 1.40
HB PQ3 B . 1.27 -0.92 -0.05
HI2' PQ3 B . 0.31 7.47 -0.40
HI3' PQ3 B . 2.01 7.51 -0.91
HI1' PQ3 B . 1.59 7.41 0.82
HA PQ3 B . -1.06 -1.62 -0.22
HA' PQ3 B . -1.31 2.00 -0.81
C4 PQ3 B . -2.99 -5.03 -1.41
C5 PQ3 B . -2.15 -4.02 -0.97
C3 PQ3 B . -4.25 -4.70 -1.90
C2 PQ3 B . -4.63 -3.37 -1.94
C17 PQ3 B . -3.74 -2.37 -1.50
C17' PQ3 B . -4.14 -1.01 -1.58
C2' PQ3 B . -5.43 -0.72 -2.06
C1 PQ3 B . -5.90 -3.05 -2.40
C9 PQ3 B . 3.60 -5.77 2.05
C13 PQ3 B . 5.42 -1.05 1.45
C5' PQ3 B . -3.70 1.29 -1.33
C6 PQ3 B . -0.79 -4.37 -0.41
C1' PQ3 B . -6.31 -1.72 -2.45
C3' PQ3 B . -5.84 0.61 -2.18
C4' PQ3 B . -4.96 1.62 -1.82
C6' PQ3 B . -2.75 2.38 -0.91
C12 PQ3 B . 5.80 -2.10 2.28
C7' PQ3 B . -0.40 2.71 -0.01
C16' PQ3 B . 0.61 2.05 0.68
C15' PQ3 B . 1.76 2.76 1.04
C10' PQ3 B . 1.87 4.13 0.73
C8' PQ3 B . -0.25 4.06 -0.32
C14' PQ3 B . 2.80 2.11 1.69
C11 PQ3 B . 5.00 -3.23 2.38
C11' PQ3 B . 3.04 4.81 1.11
C13' PQ3 B . 3.95 2.79 2.07
C12' PQ3 B . 4.07 4.15 1.77
C14 PQ3 B . 4.20 -1.11 0.75
C7 PQ3 B . 1.29 -3.32 0.51
C8 PQ3 B . 1.73 -4.38 1.30
C16 PQ3 B . 2.14 -2.26 0.27
C15 PQ3 B . 3.39 -2.23 0.90
C10 PQ3 B . 3.79 -3.32 1.68
C9' PQ3 B . 0.85 6.23 -0.16
N1 PQ3 B . -2.50 -2.71 -1.02
N2 PQ3 B . -0.03 -3.32 -0.03
N3' PQ3 B . 0.84 4.78 0.10
N2' PQ3 B . -1.55 1.95 -0.44
N1' PQ3 B . -3.30 -0.01 -1.20
N3 PQ3 B . 3.03 -4.46 1.74
O1' PQ3 B . -3.02 3.57 -1.00
O1 PQ3 B . -0.38 -5.51 -0.30
HH PQ3 B . -2.69 -6.08 -1.36
HJ PQ3 B . -4.92 -5.48 -2.25
HK PQ3 B . -6.58 -3.84 -2.71
HI1 PQ3 B . 3.65 -5.91 3.13
HI2 PQ3 B . 2.99 -6.57 1.61
HI3 PQ3 B . 4.61 -5.84 1.63
HE PQ3 B . 6.06 -0.17 1.34
HK' PQ3 B . -7.32 -1.49 -2.78
HJ' PQ3 B . -6.83 0.85 -2.54
HH' PQ3 B . -5.26 2.67 -1.90
HF PQ3 B . 6.75 -2.03 2.83
HB' PQ3 B . 0.52 1.00 0.93
HC' PQ3 B . -1.00 4.61 -0.89
HD' PQ3 B . 2.73 1.04 1.91
HG PQ3 B . 5.35 -4.04 3.03
HG' PQ3 B . 3.17 5.88 0.90
HE' PQ3 B . 4.75 2.28 2.60
HF' PQ3 B . 4.96 4.70 2.08
HD PQ3 B . 3.92 -0.29 0.11
HC PQ3 B . 1.10 -5.23 1.55
HB PQ3 B . 1.81 -1.44 -0.36
HI2' PQ3 B . -0.13 6.58 -0.49
HI3' PQ3 B . 1.59 6.46 -0.93
HI1' PQ3 B . 1.10 6.77 0.76
HA PQ3 B . -0.48 -2.42 -0.20
HA' PQ3 B . -1.50 0.94 -0.38
C4 PQ3 B . -3.43 -3.94 -1.13
C5 PQ3 B . -2.39 -3.07 -0.81
C3 PQ3 B . -4.63 -3.42 -1.60
C2 PQ3 B . -4.74 -2.04 -1.76
C17 PQ3 B . -3.67 -1.19 -1.43
C17' PQ3 B . -3.82 0.20 -1.64
C2' PQ3 B . -5.03 0.69 -2.17
C1 PQ3 B . -5.94 -1.54 -2.25
C9 PQ3 B . 3.33 -5.67 1.83
C13 PQ3 B . 5.34 -0.98 2.00
C5' PQ3 B . -2.99 2.42 -1.53
C6 PQ3 B . -1.09 -3.64 -0.28
C1' PQ3 B . -6.08 -0.18 -2.46
C3' PQ3 B . -5.21 2.05 -2.37
C4' PQ3 B . -4.18 2.92 -2.06
C6' PQ3 B . -1.89 3.38 -1.16
C12 PQ3 B . 5.71 -2.19 2.57
C7' PQ3 B . 0.45 3.49 -0.21
C16' PQ3 B . 1.32 2.82 0.63
C15' PQ3 B . 2.48 3.46 1.07
C10' PQ3 B . 2.76 4.77 0.66
C8' PQ3 B . 0.78 4.78 -0.62
C14' PQ3 B . 3.35 2.79 1.94
C11 PQ3 B . 4.89 -3.31 2.45
C11' PQ3 B . 3.92 5.40 1.15
C13' PQ3 B . 4.50 3.42 2.40
C12' PQ3 B . 4.78 4.73 2.01
C14 PQ3 B . 4.13 -0.88 1.32
C7 PQ3 B . 1.15 -2.90 0.62
C8 PQ3 B . 1.56 -4.11 1.19
C16 PQ3 B . 2.03 -1.83 0.62
C15 PQ3 B . 3.28 -1.97 1.22
C10 PQ3 B . 3.66 -3.21 1.77
C9' PQ3 B . 2.15 6.80 -0.64
N1 PQ3 B . -2.52 -1.72 -0.93
N2 PQ3 B . -0.17 -2.71 0.08
N3' PQ3 B . 1.90 5.43 -0.19
N2' PQ3 B . -0.76 2.84 -0.65
N1' PQ3 B . -2.81 1.08 -1.34
N3 PQ3 B . 2.84 -4.30 1.63
O1' PQ3 B . -2.01 4.58 -1.29
O1 PQ3 B . -0.87 -4.83 -0.18
HH PQ3 B . -3.31 -5.02 -1.00
HJ PQ3 B . -5.45 -4.09 -1.84
HK PQ3 B . -6.77 -2.20 -2.50
HI1 PQ3 B . 2.62 -6.41 1.43
HI2 PQ3 B . 4.28 -5.81 1.32
HI3 PQ3 B . 3.45 -5.87 2.90
HE PQ3 B . 6.00 -0.12 2.09
HK' PQ3 B . -7.01 0.21 -2.88
HJ' PQ3 B . -6.16 2.44 -2.76
HH' PQ3 B . -4.31 4.00 -2.19
HF PQ3 B . 6.65 -2.29 3.11
HB' PQ3 B . 1.08 1.82 0.98
HC' PQ3 B . 0.15 5.35 -1.31
HD' PQ3 B . 3.13 1.78 2.27
HG PQ3 B . 5.21 -4.25 2.89
HG' PQ3 B . 4.18 6.42 0.88
HE' PQ3 B . 5.17 2.90 3.09
HF' PQ3 B . 5.67 5.23 2.39
HD PQ3 B . 3.87 0.07 0.86
HC PQ3 B . 0.89 -4.97 1.29
HB PQ3 B . 1.73 -0.88 0.18
HI2' PQ3 B . 2.17 7.48 0.22
HI3' PQ3 B . 1.36 7.14 -1.32
HI1' PQ3 B . 3.10 6.84 -1.17
HA PQ3 B . -0.47 -1.76 -0.08
HA' PQ3 B . -0.80 1.83 -0.55
C4 PQ3 B . -3.00 -5.31 -1.50
C5 PQ3 B . -2.23 -4.26 -1.02
C3 PQ3 B . -4.22 -5.02 -2.10
C2 PQ3 B . -4.65 -3.70 -2.18
C17 PQ3 B . -3.83 -2.67 -1.68
C17' PQ3 B . -4.25 -1.33 -1.81
C2' PQ3 B . -5.50 -1.06 -2.40
C1 PQ3 B . -5.89 -3.42 -2.75
C9 PQ3 B . 3.61 -5.64 2.01
C13 PQ3 B . 5.32 -0.99 0.80
C5' PQ3 B . -3.87 0.99 -1.57
C6 PQ3 B . -0.87 -4.55 -0.42
C1' PQ3 B . -6.31 -2.10 -2.86
C3' PQ3 B . -5.93 0.26 -2.57
C4' PQ3 B . -5.09 1.29 -2.15
C6' PQ3 B . -2.94 2.10 -1.13
C12 PQ3 B . 5.79 -1.94 1.69
C7' PQ3 B . -0.62 2.46 -0.18
C16' PQ3 B . 0.42 1.80 0.45
C15' PQ3 B . 1.56 2.51 0.81
C10' PQ3 B . 1.65 3.90 0.56
C8' PQ3 B . -0.51 3.84 -0.42
C14' PQ3 B . 2.61 1.85 1.44
C11 PQ3 B . 5.02 -3.07 1.98
C11' PQ3 B . 2.80 4.59 0.97
C13' PQ3 B . 3.74 2.54 1.84
C12' PQ3 B . 3.84 3.92 1.60
C14 PQ3 B . 4.07 -1.13 0.21
C7 PQ3 B . 1.17 -3.38 0.41
C8 PQ3 B . 1.70 -4.36 1.25
C16 PQ3 B . 1.98 -2.33 0.01
C15 PQ3 B . 3.27 -2.23 0.52
C10 PQ3 B . 3.76 -3.24 1.38
C9' PQ3 B . 0.70 5.96 -0.46
N1 PQ3 B . -2.63 -2.97 -1.12
N2 PQ3 B . -0.18 -3.45 -0.05
N3' PQ3 B . 0.61 4.55 -0.07
N2' PQ3 B . -1.77 1.70 -0.59
N1' PQ3 B . -3.45 -0.30 -1.38
N3 PQ3 B . 3.02 -4.37 1.60
O1' PQ3 B . -3.23 3.28 -1.26
O1 PQ3 B . -0.40 -5.67 -0.30
HH PQ3 B . -2.67 -6.34 -1.41
HJ PQ3 B . -4.83 -5.84 -2.49
HK PQ3 B . -6.52 -4.22 -3.13
HI1 PQ3 B . 4.50 -5.86 1.39
HI2 PQ3 B . 3.92 -5.59 3.05
HI3 PQ3 B . 2.91 -6.46 1.89
HE PQ3 B . 5.94 -0.12 0.56
HK' PQ3 B . -7.27 -1.89 -3.32
HJ' PQ3 B . -6.88 0.48 -3.03
HH' PQ3 B . -5.40 2.32 -2.28
HF PQ3 B . 6.76 -1.82 2.16
HB' PQ3 B . 0.35 0.73 0.66
HC' PQ3 B . -1.29 4.41 -0.91
HD' PQ3 B . 2.56 0.77 1.63
HG PQ3 B . 5.41 -3.81 2.66
HG' PQ3 B . 2.91 5.65 0.81
HE' PQ3 B . 4.56 2.02 2.35
HF' PQ3 B . 4.72 4.46 1.92
HD PQ3 B . 3.70 -0.37 -0.48
HC PQ3 B . 1.09 -5.18 1.63
HB PQ3 B . 1.59 -1.57 -0.67
HI2' PQ3 B . 0.82 6.57 0.43
HI3' PQ3 B . -0.21 6.29 -0.98
HI1' PQ3 B . 1.55 6.10 -1.13
HA PQ3 B . -0.66 -2.58 -0.22
HA' PQ3 B . -1.70 0.69 -0.52
C4 PQ3 B . -3.05 -4.50 -1.30
C5 PQ3 B . -2.13 -3.53 -0.89
C3 PQ3 B . -4.29 -4.08 -1.78
C2 PQ3 B . -4.56 -2.73 -1.85
C17 PQ3 B . -3.60 -1.77 -1.44
C17' PQ3 B . -3.92 -0.39 -1.58
C2' PQ3 B . -5.18 -0.04 -2.10
C1 PQ3 B . -5.80 -2.34 -2.35
C9 PQ3 B . 3.83 -5.74 1.47
C13 PQ3 B . 5.36 -0.87 2.11
C5' PQ3 B . -3.38 1.90 -1.39
C6 PQ3 B . -0.79 -3.99 -0.37
C1' PQ3 B . -6.11 -1.01 -2.47
C3' PQ3 B . -5.53 1.29 -2.27
C4' PQ3 B . -4.62 2.27 -1.90
C6' PQ3 B . -2.43 3.03 -1.00
C12 PQ3 B . 5.92 -2.10 2.44
C7' PQ3 B . -0.15 3.58 -0.10
C16' PQ3 B . 0.91 3.07 0.66
C15' PQ3 B . 1.95 3.93 1.05
C10' PQ3 B . 1.89 5.29 0.74
C8' PQ3 B . -0.12 4.94 -0.43
C14' PQ3 B . 3.05 3.42 1.74
C11 PQ3 B . 5.23 -3.27 2.17
C11' PQ3 B . 2.96 6.12 1.11
C13' PQ3 B . 4.10 4.26 2.11
C12' PQ3 B . 4.05 5.61 1.80
C14 PQ3 B . 4.10 -0.83 1.53
C7 PQ3 B . 1.35 -3.09 0.60
C8 PQ3 B . 1.93 -4.30 1.00
C16 PQ3 B . 2.10 -1.93 0.75
C15 PQ3 B . 3.39 -2.01 1.29
C10 PQ3 B . 3.94 -3.25 1.60
C9' PQ3 B . 0.44 7.24 0.18
N1 PQ3 B . -2.40 -2.20 -0.94
N2 PQ3 B . 0.02 -3.01 0.08
N3' PQ3 B . 0.79 5.80 0.12
N2' PQ3 B . -1.20 2.70 -0.55
N1' PQ3 B . -3.02 0.60 -1.23
N3 PQ3 B . 3.24 -4.40 1.38
O1' PQ3 B . -2.77 4.19 -1.09
O1 PQ3 B . -0.45 -5.16 -0.37
HH PQ3 B . -2.80 -5.55 -1.24
HJ PQ3 B . -5.01 -4.83 -2.09
HK PQ3 B . -6.53 -3.09 -2.66
HI1 PQ3 B . 3.24 -6.46 0.88
HI2 PQ3 B . 4.85 -5.75 1.07
HI3 PQ3 B . 3.84 -6.08 2.50
HE PQ3 B . 5.90 0.05 2.33
HK' PQ3 B . -7.08 -0.72 -2.88
HJ' PQ3 B . -6.50 1.57 -2.66
HH' PQ3 B . -4.89 3.32 -2.02
HF PQ3 B . 6.91 -2.14 2.90
HB' PQ3 B . 0.93 2.02 0.93
HC' PQ3 B . -0.86 5.39 -1.09
HD' PQ3 B . 3.09 2.36 2.02
HG PQ3 B . 5.71 -4.22 2.43
HG' PQ3 B . 2.95 7.19 0.88
HE' PQ3 B . 4.95 3.86 2.66
HF' PQ3 B . 4.87 6.27 2.09
HD PQ3 B . 3.66 0.14 1.27
HC PQ3 B . 1.37 -5.24 1.01
HB PQ3 B . 1.67 -0.98 0.47
HI2' PQ3 B . -0.62 7.39 -0.03
HI3' PQ3 B . 1.03 7.77 -0.56
HI1' PQ3 B . 0.65 7.63 1.17
HA PQ3 B . -0.38 -2.09 0.01
HA' PQ3 B . -1.03 1.70 -0.49
C4 PQ3 B . -2.74 -4.96 -1.39
C5 PQ3 B . -1.98 -3.90 -0.89
C3 PQ3 B . -3.94 -4.71 -2.01
C2 PQ3 B . -4.38 -3.39 -2.12
C17 PQ3 B . -3.57 -2.33 -1.63
C17' PQ3 B . -4.03 -1.00 -1.79
C2' PQ3 B . -5.26 -0.79 -2.44
C1 PQ3 B . -5.60 -3.14 -2.73
C9 PQ3 B . 3.65 -5.52 2.43
C13 PQ3 B . 5.33 -0.71 1.99
C5' PQ3 B . -3.77 1.34 -1.56
C6 PQ3 B . -0.66 -4.20 -0.22
C1' PQ3 B . -6.04 -1.85 -2.89
C3' PQ3 B . -5.73 0.52 -2.65
C4' PQ3 B . -4.97 1.58 -2.21
C6' PQ3 B . -2.95 2.53 -1.10
C12 PQ3 B . 5.79 -1.82 2.69
C7' PQ3 B . -0.70 3.17 -0.13
C16' PQ3 B . 0.41 2.68 0.55
C15' PQ3 B . 1.47 3.53 0.85
C10' PQ3 B . 1.38 4.90 0.53
C8' PQ3 B . -0.73 4.53 -0.45
C14' PQ3 B . 2.61 3.03 1.46
C11 PQ3 B . 5.06 -3.00 2.69
C11' PQ3 B . 2.48 5.73 0.80
C13' PQ3 B . 3.69 3.87 1.73
C12' PQ3 B . 3.63 5.21 1.40
C14 PQ3 B . 4.11 -0.76 1.33
C7 PQ3 B . 1.32 -3.10 0.84
C8 PQ3 B . 1.80 -4.20 1.56
C16 PQ3 B . 2.10 -1.96 0.73
C15 PQ3 B . 3.34 -1.93 1.37
C10 PQ3 B . 3.82 -3.07 2.03
C9' PQ3 B . -0.04 6.84 -0.10
N1 PQ3 B . -2.38 -2.61 -1.02
N2 PQ3 B . 0.02 -3.13 0.23
N3' PQ3 B . 0.24 5.40 -0.02
N2' PQ3 B . -1.74 2.26 -0.54
N1' PQ3 B . -3.29 0.07 -1.35
N3 PQ3 B . 3.08 -4.23 2.03
O1' PQ3 B . -3.35 3.67 -1.23
O1 PQ3 B . -0.23 -5.34 -0.11
HH PQ3 B . -2.40 -5.99 -1.27
HJ PQ3 B . -4.55 -5.52 -2.39
HK PQ3 B . -6.23 -3.96 -3.08
HI1 PQ3 B . 4.63 -5.67 1.96
HI2 PQ3 B . 3.76 -5.56 3.51
HI3 PQ3 B . 3.00 -6.34 2.12
HE PQ3 B . 5.92 0.20 1.98
HK' PQ3 B . -7.00 -1.68 -3.35
HJ' PQ3 B . -6.67 0.69 -3.17
HH' PQ3 B . -5.33 2.60 -2.36
HF PQ3 B . 6.75 -1.78 3.21
HB' PQ3 B . 0.46 1.62 0.82
HC' PQ3 B . -1.53 4.98 -1.02
HD' PQ3 B . 2.67 1.97 1.72
HG PQ3 B . 5.46 -3.86 3.22
HG' PQ3 B . 2.46 6.79 0.57
HE' PQ3 B . 4.59 3.47 2.22
HF' PQ3 B . 4.47 5.87 1.63
HD PQ3 B . 3.76 0.10 0.78
HC PQ3 B . 1.21 -5.10 1.74
HB PQ3 B . 1.73 -1.10 0.19
HI2' PQ3 B . 0.27 7.33 0.83
HI3' PQ3 B . -1.10 7.03 -0.25
HI1' PQ3 B . 0.53 7.28 -0.94
HA PQ3 B . -0.44 -2.25 0.05
HA' PQ3 B . -1.55 1.26 -0.44
C4 PQ3 B . -5.06 1.79 -1.97
C5 PQ3 B . -3.78 1.57 -1.47
C3 PQ3 B . -5.92 0.72 -2.20
C2 PQ3 B . -5.45 -0.57 -1.95
C17 PQ3 B . -4.14 -0.77 -1.47
C17' PQ3 B . -3.69 -2.10 -1.25
C2' PQ3 B . -4.55 -3.17 -1.56
C1 PQ3 B . -6.30 -1.65 -2.19
C9 PQ3 B . 0.22 6.95 -0.31
C13 PQ3 B . 3.75 3.87 1.74
C5' PQ3 B . -2.03 -3.64 -0.59
C6 PQ3 B . -2.88 2.74 -1.20
C1' PQ3 B . -5.85 -2.95 -2.00
C3' PQ3 B . -4.12 -4.49 -1.40
C4' PQ3 B . -2.85 -4.72 -0.91
C6' PQ3 B . -0.66 -3.89 -0.02
C12 PQ3 B . 3.74 5.22 1.38
C7' PQ3 B . 1.35 -2.68 0.87
C16' PQ3 B . 2.16 -1.59 0.55
C15' PQ3 B . 3.38 -1.46 1.21
C10' PQ3 B . 3.80 -2.45 2.11
C8' PQ3 B . 1.82 -3.65 1.76
C14' PQ3 B . 4.17 -0.32 1.00
C11 PQ3 B . 2.65 5.76 0.70
C11' PQ3 B . 4.96 -2.24 2.86
C13' PQ3 B . 5.33 -0.13 1.75
C12' PQ3 B . 5.72 -1.08 2.69
C14 PQ3 B . 2.66 3.07 1.40
C7 PQ3 B . -0.58 3.31 -0.34
C8 PQ3 B . -0.53 4.66 -0.69
C16 PQ3 B . 0.49 2.78 0.38
C15 PQ3 B . 1.57 3.60 0.71
C10 PQ3 B . 1.56 4.96 0.37
C9' PQ3 B . 3.75 -4.89 2.58
N1 PQ3 B . -3.33 0.31 -1.22
N2 PQ3 B . -1.66 2.44 -0.71
N3' PQ3 B . 3.10 -3.62 2.21
N2' PQ3 B . 0.04 -2.77 0.30
N1' PQ3 B . -2.43 -2.35 -0.76
N3 PQ3 B . 0.45 5.50 -0.25
O1' PQ3 B . -0.19 -5.00 0.16
O1 PQ3 B . -3.23 3.89 -1.39
HH PQ3 B . -5.41 2.81 -2.15
HJ PQ3 B . -6.92 0.88 -2.59
HK PQ3 B . -7.32 -1.48 -2.55
HI1 PQ3 B . 0.40 7.40 0.68
HI2 PQ3 B . 0.90 7.40 -1.05
HI3 PQ3 B . -0.81 7.17 -0.60
HE PQ3 B . 4.58 3.46 2.29
HK' PQ3 B . -6.51 -3.79 -2.20
HJ' PQ3 B . -4.78 -5.32 -1.65
HH' PQ3 B . -2.50 -5.74 -0.76
HF PQ3 B . 4.59 5.86 1.67
HB' PQ3 B . 1.82 -0.84 -0.15
HC' PQ3 B . 1.21 -4.49 2.07
HD' PQ3 B . 3.86 0.43 0.28
HG PQ3 B . 2.69 6.82 0.45
HG' PQ3 B . 5.29 -2.97 3.60
HE' PQ3 B . 5.92 0.77 1.60
HF' PQ3 B . 6.60 -0.92 3.29
HD PQ3 B . 2.66 2.02 1.71
HC PQ3 B . -1.31 5.13 -1.29
HB PQ3 B . 0.49 1.73 0.67
HI2' PQ3 B . 3.19 -5.74 2.17
HI3' PQ3 B . 3.79 -4.98 3.66
HI1' PQ3 B . 4.76 -4.92 2.18
HA PQ3 B . -1.52 1.45 -0.58
HA' PQ3 B . -0.45 -1.91 0.09
C4 PQ3 B . -4.43 3.40 -2.28
C5 PQ3 B . -3.32 2.81 -1.69
C3 PQ3 B . -5.54 2.62 -2.59
C2 PQ3 B . -5.48 1.25 -2.33
C17 PQ3 B . -4.33 0.67 -1.78
C17' PQ3 B . -4.28 -0.72 -1.57
C2' PQ3 B . -5.43 -1.49 -1.88
C1 PQ3 B . -6.60 0.47 -2.63
C9 PQ3 B . 1.98 6.69 0.27
C13 PQ3 B . 4.20 2.51 2.24
C5' PQ3 B . -3.13 -2.68 -0.95
C6 PQ3 B . -2.12 3.65 -1.30
C1' PQ3 B . -6.57 -0.90 -2.40
C3' PQ3 B . -5.41 -2.87 -1.69
C4' PQ3 B . -4.24 -3.48 -1.24
C6' PQ3 B . -1.87 -3.33 -0.45
C12 PQ3 B . 4.56 3.85 2.15
C7' PQ3 B . 0.46 -2.78 0.34
C16' PQ3 B . 1.51 -1.91 0.05
C15' PQ3 B . 2.74 -2.12 0.68
C10' PQ3 B . 2.92 -3.24 1.52
C8' PQ3 B . 0.69 -3.88 1.15
C14' PQ3 B . 3.77 -1.20 0.51
C11 PQ3 B . 3.73 4.78 1.52
C11' PQ3 B . 4.12 -3.37 2.23
C13' PQ3 B . 4.96 -1.35 1.21
C12' PQ3 B . 5.13 -2.43 2.08
C14 PQ3 B . 2.98 2.09 1.69
C7 PQ3 B . 0.10 3.46 -0.12
C8 PQ3 B . 0.48 4.81 -0.17
C16 PQ3 B . 0.95 2.56 0.50
C15 PQ3 B . 2.15 3.01 1.05
C10 PQ3 B . 2.51 4.36 0.96
C9' PQ3 B . 2.26 -5.60 1.91
N1 PQ3 B . -3.27 1.47 -1.45
N2 PQ3 B . -1.14 3.00 -0.65
N3' PQ3 B . 1.94 -4.20 1.59
N2' PQ3 B . -0.84 -2.49 -0.20
N1' PQ3 B . -3.16 -1.32 -1.10
N3 PQ3 B . 1.66 5.26 0.36
O1' PQ3 B . -1.77 -4.54 -0.23
O1 PQ3 B . -2.06 4.83 -1.56
HH PQ3 B . -4.45 4.47 -2.46
HJ PQ3 B . -6.43 3.07 -3.02
HK PQ3 B . -7.50 0.93 -3.04
HI1 PQ3 B . 1.19 7.24 -0.24
HI2 PQ3 B . 2.10 7.11 1.28
HI3 PQ3 B . 2.91 6.82 -0.29
HE PQ3 B . 4.84 1.81 2.76
HK' PQ3 B . -7.45 -1.50 -2.63
HJ' PQ3 B . -6.28 -3.48 -1.92
HH' PQ3 B . -4.19 -4.55 -1.10
HF PQ3 B . 5.51 4.20 2.59
HB' PQ3 B . 1.36 -1.05 -0.59
HC' PQ3 B . -0.10 -4.58 1.43
HD' PQ3 B . 3.65 -0.35 -0.17
HG PQ3 B . 4.05 5.81 1.49
HG' PQ3 B . 4.28 -4.21 2.90
HE' PQ3 B . 5.77 -0.63 1.08
HF' PQ3 B . 6.06 -2.54 2.64
HD PQ3 B . 2.70 1.05 1.78
HC PQ3 B . -0.15 5.58 -0.61
HB PQ3 B . 0.67 1.51 0.57
HI2' PQ3 B . 3.13 -5.93 1.32
HI3' PQ3 B . 1.42 -6.25 1.67
HI1' PQ3 B . 2.49 -5.70 2.97
HA PQ3 B . -1.36 2.02 -0.51
HA' PQ3 B . -1.05 -1.54 -0.45
C4 PQ3 B . -3.13 -5.07 -1.21
C5 PQ3 B . -2.23 -4.09 -0.85
C3 PQ3 B . -4.36 -4.72 -1.76
C2 PQ3 B . -4.66 -3.36 -1.89
C17 PQ3 B . -3.73 -2.39 -1.47
C17' PQ3 B . -4.07 -1.02 -1.60
C2' PQ3 B . -5.30 -0.67 -2.17
C1 PQ3 B . -5.89 -2.99 -2.44
C9 PQ3 B . 3.70 -5.81 1.86
C13 PQ3 B . 5.51 -1.13 0.89
C5' PQ3 B . -3.53 1.26 -1.35
C6 PQ3 B . -0.86 -4.47 -0.34
C1' PQ3 B . -6.21 -1.65 -2.57
C3' PQ3 B . -5.64 0.67 -2.33
C4' PQ3 B . -4.73 1.65 -1.93
C6' PQ3 B . -2.56 2.32 -0.89
C12 PQ3 B . 5.99 -2.19 1.66
C7' PQ3 B . -0.23 2.59 0.09
C16' PQ3 B . 0.77 1.89 0.76
C15' PQ3 B . 1.92 2.56 1.17
C10' PQ3 B . 2.05 3.94 0.93
C8' PQ3 B . -0.06 3.95 -0.14
C14' PQ3 B . 2.93 1.86 1.82
C11 PQ3 B . 5.20 -3.32 1.88
C11' PQ3 B . 3.22 4.60 1.36
C13' PQ3 B . 4.09 2.53 2.26
C12' PQ3 B . 4.22 3.90 2.03
C14 PQ3 B . 4.22 -1.19 0.35
C7 PQ3 B . 1.29 -3.40 0.40
C8 PQ3 B . 1.81 -4.45 1.17
C16 PQ3 B . 2.11 -2.32 0.10
C15 PQ3 B . 3.41 -2.30 0.60
C10 PQ3 B . 3.90 -3.39 1.34
C9' PQ3 B . 1.15 6.07 0.01
N1 PQ3 B . -2.52 -2.76 -0.96
N2 PQ3 B . -0.07 -3.41 -0.05
N3' PQ3 B . 1.06 4.63 0.28
N2' PQ3 B . -1.39 1.86 -0.37
N1' PQ3 B . -3.19 -0.05 -1.20
N3 PQ3 B . 3.14 -4.51 1.49
O1' PQ3 B . -2.79 3.51 -0.97
O1 PQ3 B . -0.46 -5.61 -0.23
HH PQ3 B . -2.88 -6.13 -1.09
HJ PQ3 B . -5.06 -5.48 -2.08
HK PQ3 B . -6.60 -3.75 -2.76
HI1 PQ3 B . 3.81 -5.87 2.95
HI2 PQ3 B . 3.05 -6.63 1.55
HI3 PQ3 B . 4.67 -5.96 1.39
HE PQ3 B . 6.14 -0.27 0.70
HK' PQ3 B . -7.17 -1.38 -3.01
HJ' PQ3 B . -6.60 0.96 -2.76
HH' PQ3 B . -4.99 2.70 -2.03
HF PQ3 B . 7.00 -2.15 2.07
HB' PQ3 B . 0.66 0.83 0.97
HC' PQ3 B . -0.79 4.54 -0.67
HD' PQ3 B . 2.84 0.80 2.01
HG PQ3 B . 5.61 -4.12 2.46
HG' PQ3 B . 3.38 5.66 1.21
HE' PQ3 B . 4.86 1.98 2.78
HF' PQ3 B . 5.11 4.42 2.37
HD PQ3 B . 3.85 -0.36 -0.25
HC PQ3 B . 1.20 -5.30 1.47
HB PQ3 B . 1.73 -1.50 -0.50
HI2' PQ3 B . 1.99 6.27 -0.65
HI3' PQ3 B . 1.29 6.62 0.95
HI1' PQ3 B . 0.24 6.44 -0.47
HA PQ3 B . -0.51 -2.52 -0.21
HA' PQ3 B . -1.35 0.85 -0.33
C4 PQ3 B . -4.88 -3.67 -1.42
C5 PQ3 B . -3.80 -2.84 -1.14
C3 PQ3 B . -6.02 -3.12 -1.98
C2 PQ3 B . -6.06 -1.76 -2.26
C17 PQ3 B . -4.93 -0.95 -1.97
C17' PQ3 B . -4.99 0.44 -2.28
C2' PQ3 B . -6.17 0.95 -2.85
C1 PQ3 B . -7.22 -1.21 -2.80
C9 PQ3 B . 1.81 -5.43 1.82
C13 PQ3 B . 3.68 -0.66 2.19
C5' PQ3 B . -4.02 2.58 -2.30
C6 PQ3 B . -2.56 -3.42 -0.51
C1' PQ3 B . -7.27 0.14 -3.10
C3' PQ3 B . -6.25 2.31 -3.16
C4' PQ3 B . -5.17 3.12 -2.89
C6' PQ3 B . -2.87 3.51 -1.97
C12 PQ3 B . 4.21 -1.92 2.46
C7' PQ3 B . -0.58 3.54 -0.94
C16' PQ3 B . 0.59 2.79 -0.87
C15' PQ3 B . 1.74 3.38 -0.32
C10' PQ3 B . 1.72 4.72 0.11
C8' PQ3 B . -0.55 4.88 -0.53
C14' PQ3 B . 2.90 2.61 -0.14
C11 PQ3 B . 3.47 -3.07 2.18
C11' PQ3 B . 2.84 5.25 0.75
C13' PQ3 B . 4.00 3.15 0.50
C12' PQ3 B . 3.98 4.47 0.96
C14 PQ3 B . 2.40 -0.54 1.64
C7 PQ3 B . -0.32 -2.68 0.43
C8 PQ3 B . 0.23 -3.93 0.72
C16 PQ3 B . 0.40 -1.55 0.78
C15 PQ3 B . 1.66 -1.68 1.36
C10 PQ3 B . 2.18 -2.96 1.63
C9' PQ3 B . 0.63 6.95 -0.05
N1 PQ3 B . -3.83 -1.50 -1.41
N2 PQ3 B . -1.58 -2.52 -0.23
N3' PQ3 B . 0.60 5.48 -0.14
N2' PQ3 B . -1.80 2.92 -1.39
N1' PQ3 B . -3.94 1.26 -2.01
N3 PQ3 B . 1.41 -4.08 1.38
O1' PQ3 B . -2.88 4.69 -2.20
O1 PQ3 B . -2.44 -4.60 -0.24
HH PQ3 B . -4.83 -4.74 -1.19
HJ PQ3 B . -6.89 -3.75 -2.19
HK PQ3 B . -8.09 -1.84 -3.00
HI1 PQ3 B . 2.22 -5.39 2.83
HI2 PQ3 B . 0.95 -6.10 1.84
HI3 PQ3 B . 2.57 -5.83 1.14
HE PQ3 B . 4.26 0.23 2.44
HK' PQ3 B . -8.18 0.56 -3.53
HJ' PQ3 B . -7.16 2.73 -3.59
HH' PQ3 B . -5.23 4.19 -3.11
HF PQ3 B . 5.19 -2.01 2.90
HB' PQ3 B . 0.61 1.75 -1.19
HC' PQ3 B . -1.45 5.49 -0.52
HD' PQ3 B . 2.94 1.58 -0.50
HG PQ3 B . 3.91 -4.03 2.41
HG' PQ3 B . 2.85 6.28 1.11
HE' PQ3 B . 4.90 2.55 0.65
HF' PQ3 B . 4.83 4.89 1.49
HD PQ3 B . 2.00 0.45 1.44
HC PQ3 B . -0.28 -4.86 0.46
HB PQ3 B . -0.01 -0.56 0.60
HI2' PQ3 B . 1.53 7.34 -0.54
HI3' PQ3 B . 0.63 7.26 1.00
HI1' PQ3 B . -0.24 7.38 -0.54
HA PQ3 B . -1.85 -1.58 -0.49
HA' PQ3 B . -1.89 1.92 -1.28
#